data_3N8H
#
_entry.id   3N8H
#
_cell.length_a   47.200
_cell.length_b   47.200
_cell.length_c   259.500
_cell.angle_alpha   90.00
_cell.angle_beta   90.00
_cell.angle_gamma   90.00
#
_symmetry.space_group_name_H-M   'P 43'
#
loop_
_entity.id
_entity.type
_entity.pdbx_description
1 polymer 'Pantothenate synthetase'
2 non-polymer PROLINE
3 non-polymer 'ADENOSINE MONOPHOSPHATE'
4 non-polymer GLYCEROL
5 non-polymer 'ACETIC ACID'
6 water water
#
_entity_poly.entity_id   1
_entity_poly.type   'polypeptide(L)'
_entity_poly.pdbx_seq_one_letter_code
;SNA(MSE)IIADNIKQFHSIRNSLIKQQKIGFVPT(MSE)GALHNGHISLIKKAKSENDVVIVSIFVNPTQFNNPNDYQT
YPNQLQQDIQILASLDVDVLFNPSEKDIYPDGNLLRIEPKLEIANILEGKSRPGHFSG(MSE)LTVVLKLLQITKPNNLY
LGEKDYQQV(MSE)LIKQLVKDFFINTKIIVCPTQRQPSGLPLSSRNKNLTSTDIEIANKIYEILRQDDFSNLEELTNKI
NSTGAKLQYIQKLNNRIFLAFYIGKVRLIDNFLKETGPSC
;
_entity_poly.pdbx_strand_id   A,B
#
# COMPACT_ATOMS: atom_id res chain seq x y z
N ALA A 3 -30.93 10.49 12.77
CA ALA A 3 -30.86 9.12 12.27
C ALA A 3 -29.45 8.77 11.80
N ILE A 5 -25.94 7.51 11.58
CA ILE A 5 -25.19 6.53 12.34
C ILE A 5 -23.78 7.03 12.53
N ILE A 6 -23.34 7.07 13.77
CA ILE A 6 -21.97 7.44 14.08
C ILE A 6 -21.20 6.18 14.44
N ALA A 7 -20.19 5.86 13.64
CA ALA A 7 -19.39 4.66 13.86
C ALA A 7 -18.00 5.09 14.26
N ASP A 8 -17.68 4.90 15.54
N ASP A 8 -17.69 4.92 15.54
CA ASP A 8 -16.43 5.38 16.10
CA ASP A 8 -16.43 5.38 16.09
C ASP A 8 -15.33 4.32 16.02
C ASP A 8 -15.38 4.27 16.15
N ASN A 9 -15.65 3.17 15.46
CA ASN A 9 -14.69 2.07 15.32
C ASN A 9 -15.00 1.11 14.16
N ILE A 10 -14.03 0.26 13.84
CA ILE A 10 -14.11 -0.65 12.70
C ILE A 10 -15.28 -1.64 12.79
N LYS A 11 -15.33 -2.37 13.89
CA LYS A 11 -16.41 -3.34 14.14
C LYS A 11 -17.73 -2.66 13.85
N GLN A 12 -17.94 -1.53 14.51
CA GLN A 12 -19.16 -0.77 14.34
C GLN A 12 -19.40 -0.35 12.89
N PHE A 13 -18.31 -0.02 12.19
CA PHE A 13 -18.43 0.37 10.80
C PHE A 13 -18.68 -0.81 9.86
N HIS A 14 -18.00 -1.93 10.10
CA HIS A 14 -18.23 -3.13 9.29
C HIS A 14 -19.68 -3.52 9.38
N SER A 15 -20.24 -3.43 10.59
CA SER A 15 -21.63 -3.75 10.81
C SER A 15 -22.49 -3.02 9.81
N ILE A 16 -22.48 -1.70 9.87
CA ILE A 16 -23.36 -0.92 9.01
C ILE A 16 -23.04 -1.11 7.52
N ARG A 17 -21.74 -1.14 7.19
CA ARG A 17 -21.31 -1.29 5.81
C ARG A 17 -21.83 -2.60 5.22
N ASN A 18 -21.71 -3.67 5.98
CA ASN A 18 -22.08 -5.00 5.48
C ASN A 18 -23.57 -5.19 5.37
N SER A 19 -24.33 -4.24 5.93
CA SER A 19 -25.80 -4.29 5.89
C SER A 19 -26.38 -3.64 4.63
N LEU A 20 -25.54 -2.96 3.85
CA LEU A 20 -26.03 -2.29 2.65
C LEU A 20 -26.19 -3.28 1.49
N ILE A 21 -27.28 -3.15 0.73
CA ILE A 21 -27.44 -3.96 -0.48
C ILE A 21 -26.67 -3.33 -1.65
N LYS A 22 -26.26 -4.18 -2.60
CA LYS A 22 -25.42 -3.76 -3.73
C LYS A 22 -26.10 -2.71 -4.61
N GLN A 23 -27.43 -2.67 -4.55
CA GLN A 23 -28.23 -1.73 -5.32
C GLN A 23 -27.90 -0.28 -4.95
N GLN A 24 -27.39 -0.09 -3.74
CA GLN A 24 -27.18 1.23 -3.18
C GLN A 24 -25.80 1.78 -3.56
N LYS A 25 -25.80 2.87 -4.32
CA LYS A 25 -24.57 3.58 -4.65
C LYS A 25 -24.03 4.22 -3.39
N ILE A 26 -22.77 3.96 -3.09
CA ILE A 26 -22.12 4.53 -1.90
C ILE A 26 -21.16 5.63 -2.29
N GLY A 27 -21.37 6.82 -1.72
CA GLY A 27 -20.44 7.93 -1.88
C GLY A 27 -19.62 8.17 -0.61
N PHE A 28 -18.34 8.45 -0.78
CA PHE A 28 -17.46 8.60 0.36
C PHE A 28 -16.74 9.94 0.35
N VAL A 29 -16.80 10.67 1.46
CA VAL A 29 -16.07 11.93 1.55
C VAL A 29 -15.11 11.90 2.75
N PRO A 30 -13.81 11.62 2.51
CA PRO A 30 -12.87 11.61 3.65
C PRO A 30 -12.52 13.04 4.06
N THR A 31 -12.36 13.26 5.36
N THR A 31 -12.36 13.30 5.35
CA THR A 31 -12.07 14.60 5.88
CA THR A 31 -11.97 14.64 5.81
C THR A 31 -11.27 14.48 7.18
C THR A 31 -11.18 14.47 7.09
N GLY A 33 -12.04 16.58 9.65
CA GLY A 33 -12.90 17.25 10.61
C GLY A 33 -12.84 18.77 10.48
N ALA A 34 -13.42 19.49 11.45
CA ALA A 34 -13.45 20.97 11.42
C ALA A 34 -14.05 21.48 10.12
N LEU A 35 -15.27 21.03 9.85
CA LEU A 35 -15.90 21.12 8.54
C LEU A 35 -16.28 22.54 8.10
N HIS A 36 -15.93 22.87 6.88
CA HIS A 36 -16.31 24.15 6.33
C HIS A 36 -17.08 23.95 5.00
N ASN A 37 -17.47 25.08 4.42
CA ASN A 37 -18.22 25.06 3.18
C ASN A 37 -17.51 24.31 2.05
N GLY A 38 -16.18 24.27 2.10
CA GLY A 38 -15.43 23.43 1.18
C GLY A 38 -15.90 21.99 1.33
N HIS A 39 -15.78 21.46 2.55
CA HIS A 39 -16.24 20.09 2.78
C HIS A 39 -17.72 19.95 2.43
N ILE A 40 -18.50 20.97 2.76
CA ILE A 40 -19.93 20.86 2.59
C ILE A 40 -20.30 20.69 1.12
N SER A 41 -19.52 21.32 0.23
CA SER A 41 -19.85 21.23 -1.19
C SER A 41 -19.61 19.82 -1.66
N LEU A 42 -18.55 19.19 -1.15
CA LEU A 42 -18.28 17.80 -1.52
C LEU A 42 -19.43 16.89 -1.04
N ILE A 43 -19.85 17.11 0.19
CA ILE A 43 -20.95 16.32 0.74
C ILE A 43 -22.24 16.45 -0.07
N LYS A 44 -22.55 17.67 -0.48
CA LYS A 44 -23.73 17.92 -1.31
C LYS A 44 -23.64 17.23 -2.66
N LYS A 45 -22.45 17.26 -3.26
CA LYS A 45 -22.25 16.56 -4.50
C LYS A 45 -22.46 15.05 -4.34
N ALA A 46 -21.81 14.46 -3.34
CA ALA A 46 -22.01 13.05 -3.01
C ALA A 46 -23.51 12.74 -2.79
N LYS A 47 -24.22 13.62 -2.09
CA LYS A 47 -25.64 13.33 -1.80
C LYS A 47 -26.48 13.33 -3.06
N SER A 48 -26.16 14.23 -3.99
CA SER A 48 -26.93 14.33 -5.23
C SER A 48 -26.65 13.15 -6.17
N GLU A 49 -25.66 12.32 -5.82
CA GLU A 49 -25.14 11.29 -6.73
C GLU A 49 -25.16 9.86 -6.17
N ASN A 50 -25.60 9.71 -4.92
CA ASN A 50 -25.52 8.40 -4.25
C ASN A 50 -26.71 8.14 -3.33
N ASP A 51 -26.93 6.87 -3.00
CA ASP A 51 -28.02 6.48 -2.09
C ASP A 51 -27.53 6.53 -0.65
N VAL A 52 -26.23 6.27 -0.48
CA VAL A 52 -25.61 6.26 0.83
C VAL A 52 -24.36 7.13 0.79
N VAL A 53 -24.28 8.08 1.72
CA VAL A 53 -23.09 8.91 1.82
C VAL A 53 -22.45 8.65 3.16
N ILE A 54 -21.14 8.43 3.09
CA ILE A 54 -20.28 8.22 4.23
C ILE A 54 -19.28 9.36 4.29
N VAL A 55 -19.12 9.93 5.46
CA VAL A 55 -18.10 10.96 5.68
C VAL A 55 -17.17 10.45 6.77
N SER A 56 -15.86 10.48 6.53
CA SER A 56 -14.93 10.14 7.61
C SER A 56 -14.37 11.44 8.20
N ILE A 57 -14.04 11.38 9.49
CA ILE A 57 -13.29 12.42 10.16
C ILE A 57 -12.21 11.71 10.94
N PHE A 58 -10.98 11.98 10.53
CA PHE A 58 -9.81 11.34 11.13
C PHE A 58 -8.62 12.23 10.84
N VAL A 59 -8.10 12.84 11.90
CA VAL A 59 -6.88 13.61 11.81
C VAL A 59 -5.70 12.65 11.82
N ASN A 60 -5.22 12.35 10.62
CA ASN A 60 -4.17 11.35 10.43
C ASN A 60 -2.77 11.84 10.82
N PRO A 61 -2.22 11.31 11.93
CA PRO A 61 -0.93 11.80 12.42
C PRO A 61 0.21 11.54 11.45
N THR A 62 0.12 10.50 10.62
N THR A 62 0.09 10.50 10.63
CA THR A 62 1.29 10.09 9.83
CA THR A 62 1.23 10.04 9.83
C THR A 62 1.55 11.05 8.69
C THR A 62 1.51 10.99 8.67
N GLN A 63 0.58 11.91 8.42
CA GLN A 63 0.76 12.86 7.33
C GLN A 63 1.13 14.27 7.79
N PHE A 64 1.20 14.48 9.10
CA PHE A 64 1.68 15.78 9.59
C PHE A 64 3.17 15.70 9.69
N ASN A 65 3.87 16.40 8.82
CA ASN A 65 5.34 16.49 8.95
C ASN A 65 5.75 17.48 10.07
N ASN A 66 4.83 18.32 10.51
CA ASN A 66 5.15 19.35 11.50
C ASN A 66 4.38 19.14 12.81
N PRO A 67 5.09 18.93 13.92
CA PRO A 67 4.41 18.56 15.18
C PRO A 67 3.44 19.63 15.67
N ASN A 68 3.87 20.88 15.55
CA ASN A 68 3.03 21.98 16.03
C ASN A 68 1.74 22.07 15.21
N ASP A 69 1.89 21.89 13.92
CA ASP A 69 0.72 21.81 13.05
C ASP A 69 -0.26 20.75 13.57
N TYR A 70 0.25 19.56 13.91
CA TYR A 70 -0.60 18.50 14.42
C TYR A 70 -1.25 18.90 15.74
N GLN A 71 -0.45 19.44 16.65
CA GLN A 71 -0.95 19.80 17.98
C GLN A 71 -2.08 20.81 17.91
N THR A 72 -1.95 21.80 17.03
CA THR A 72 -2.92 22.87 16.92
C THR A 72 -4.02 22.60 15.89
N TYR A 73 -3.96 21.47 15.17
CA TYR A 73 -4.94 21.27 14.10
C TYR A 73 -6.36 21.40 14.64
N PRO A 74 -7.24 22.10 13.92
CA PRO A 74 -8.52 22.41 14.57
C PRO A 74 -9.35 21.18 14.92
N ASN A 75 -9.97 21.24 16.08
CA ASN A 75 -10.77 20.14 16.60
C ASN A 75 -12.12 20.66 17.08
N GLN A 76 -13.22 20.11 16.55
CA GLN A 76 -14.58 20.53 16.90
C GLN A 76 -15.62 19.46 16.52
N LEU A 77 -15.52 18.30 17.14
CA LEU A 77 -16.31 17.14 16.75
C LEU A 77 -17.82 17.39 16.91
N GLN A 78 -18.22 18.06 17.99
CA GLN A 78 -19.66 18.27 18.18
C GLN A 78 -20.24 19.18 17.09
N GLN A 79 -19.50 20.23 16.71
CA GLN A 79 -19.96 21.10 15.64
C GLN A 79 -20.00 20.33 14.31
N ASP A 80 -18.99 19.51 14.07
CA ASP A 80 -18.92 18.70 12.86
C ASP A 80 -20.12 17.74 12.76
N ILE A 81 -20.42 17.09 13.88
CA ILE A 81 -21.56 16.19 13.94
C ILE A 81 -22.86 16.93 13.62
N GLN A 82 -23.08 18.09 14.22
CA GLN A 82 -24.26 18.91 13.89
C GLN A 82 -24.37 19.26 12.40
N ILE A 83 -23.24 19.64 11.79
CA ILE A 83 -23.22 19.95 10.36
C ILE A 83 -23.65 18.76 9.51
N LEU A 84 -23.04 17.60 9.78
CA LEU A 84 -23.32 16.39 9.02
C LEU A 84 -24.77 15.94 9.15
N ALA A 85 -25.27 15.94 10.37
CA ALA A 85 -26.67 15.65 10.61
C ALA A 85 -27.64 16.56 9.84
N SER A 86 -27.34 17.86 9.72
CA SER A 86 -28.22 18.77 8.98
C SER A 86 -28.11 18.57 7.46
N LEU A 87 -27.04 17.88 7.06
CA LEU A 87 -26.83 17.51 5.67
C LEU A 87 -27.38 16.13 5.34
N ASP A 88 -28.04 15.52 6.33
CA ASP A 88 -28.62 14.19 6.20
C ASP A 88 -27.58 13.14 5.78
N VAL A 89 -26.34 13.34 6.18
CA VAL A 89 -25.30 12.34 5.97
C VAL A 89 -25.68 11.02 6.65
N ASP A 90 -25.54 9.91 5.94
CA ASP A 90 -25.98 8.61 6.44
C ASP A 90 -25.05 8.05 7.50
N VAL A 91 -23.73 8.09 7.25
CA VAL A 91 -22.78 7.52 8.21
C VAL A 91 -21.61 8.42 8.49
N LEU A 92 -21.34 8.70 9.76
CA LEU A 92 -20.09 9.33 10.17
C LEU A 92 -19.14 8.23 10.64
N PHE A 93 -17.99 8.14 9.99
CA PHE A 93 -16.95 7.22 10.43
C PHE A 93 -15.83 8.02 11.06
N ASN A 94 -15.70 7.89 12.38
CA ASN A 94 -14.81 8.71 13.16
C ASN A 94 -13.94 7.79 14.02
N PRO A 95 -12.92 7.17 13.41
CA PRO A 95 -12.13 6.16 14.11
C PRO A 95 -11.01 6.77 14.91
N SER A 96 -10.41 5.97 15.78
CA SER A 96 -9.29 6.38 16.60
C SER A 96 -7.99 5.95 15.90
N GLU A 97 -6.88 6.49 16.35
CA GLU A 97 -5.57 6.11 15.83
C GLU A 97 -5.39 4.61 15.89
N LYS A 98 -5.78 4.01 17.01
CA LYS A 98 -5.60 2.58 17.20
C LYS A 98 -6.43 1.78 16.22
N ASP A 99 -7.64 2.23 15.93
CA ASP A 99 -8.48 1.56 14.93
C ASP A 99 -7.70 1.48 13.59
N ILE A 100 -7.10 2.59 13.19
CA ILE A 100 -6.52 2.70 11.86
C ILE A 100 -5.12 2.10 11.77
N TYR A 101 -4.35 2.29 12.83
CA TYR A 101 -2.99 1.78 12.94
C TYR A 101 -2.87 0.91 14.17
N PRO A 102 -3.42 -0.32 14.11
CA PRO A 102 -3.41 -1.23 15.24
C PRO A 102 -2.00 -1.46 15.81
N ASP A 103 -0.98 -1.50 14.94
CA ASP A 103 0.37 -1.85 15.35
C ASP A 103 1.34 -0.70 15.06
N GLY A 104 0.78 0.49 14.86
CA GLY A 104 1.55 1.65 14.49
C GLY A 104 1.71 1.77 12.98
N ASN A 105 2.59 2.66 12.56
CA ASN A 105 2.79 2.92 11.14
C ASN A 105 3.91 2.06 10.59
N LEU A 106 3.64 0.77 10.41
CA LEU A 106 4.69 -0.22 10.10
C LEU A 106 4.82 -0.47 8.60
N LEU A 107 3.71 -0.43 7.88
CA LEU A 107 3.70 -0.61 6.41
C LEU A 107 3.15 0.65 5.75
N ARG A 108 3.93 1.26 4.88
CA ARG A 108 3.59 2.56 4.34
C ARG A 108 3.61 2.54 2.83
N ILE A 109 2.71 3.29 2.24
CA ILE A 109 2.77 3.54 0.80
C ILE A 109 3.77 4.66 0.57
N GLU A 110 4.75 4.39 -0.28
CA GLU A 110 5.84 5.33 -0.57
C GLU A 110 5.72 5.73 -2.04
N PRO A 111 5.55 7.02 -2.31
CA PRO A 111 5.41 7.40 -3.70
C PRO A 111 6.78 7.69 -4.34
N LYS A 112 7.10 7.00 -5.41
CA LYS A 112 8.34 7.28 -6.14
C LYS A 112 7.99 7.76 -7.54
N LEU A 113 7.71 9.05 -7.66
CA LEU A 113 7.38 9.66 -8.94
C LEU A 113 7.43 11.18 -8.87
N GLU A 114 7.50 11.82 -10.03
CA GLU A 114 7.75 13.25 -10.10
C GLU A 114 6.75 14.14 -9.36
N ILE A 115 5.48 13.92 -9.63
CA ILE A 115 4.45 14.74 -9.00
C ILE A 115 4.55 14.74 -7.48
N ALA A 116 5.16 13.72 -6.91
CA ALA A 116 5.27 13.63 -5.45
C ALA A 116 6.50 14.36 -4.93
N ASN A 117 7.41 14.69 -5.83
CA ASN A 117 8.71 15.24 -5.48
C ASN A 117 8.79 16.75 -5.56
N ILE A 118 7.72 17.37 -6.04
CA ILE A 118 7.70 18.83 -6.20
C ILE A 118 6.62 19.48 -5.35
N LEU A 119 6.64 20.82 -5.30
CA LEU A 119 5.60 21.57 -4.63
C LEU A 119 5.32 21.03 -3.25
N GLU A 120 4.08 20.59 -3.01
CA GLU A 120 3.72 20.14 -1.67
C GLU A 120 4.60 18.96 -1.18
N GLY A 121 4.92 18.05 -2.09
CA GLY A 121 5.74 16.90 -1.72
C GLY A 121 7.12 17.29 -1.20
N LYS A 122 7.69 18.35 -1.78
CA LYS A 122 9.04 18.77 -1.42
C LYS A 122 8.97 19.62 -0.15
N SER A 123 7.91 20.43 -0.12
CA SER A 123 7.63 21.34 0.98
C SER A 123 7.25 20.55 2.24
N ARG A 124 6.58 19.42 2.07
CA ARG A 124 6.17 18.61 3.24
C ARG A 124 6.73 17.19 3.17
N PRO A 125 8.00 17.03 3.54
CA PRO A 125 8.58 15.71 3.39
C PRO A 125 7.79 14.68 4.18
N GLY A 126 7.41 13.58 3.53
CA GLY A 126 6.77 12.47 4.23
C GLY A 126 5.27 12.66 4.39
N HIS A 127 4.77 13.84 4.01
CA HIS A 127 3.31 14.06 4.02
C HIS A 127 2.56 13.10 3.06
N PHE A 128 3.04 12.95 1.83
CA PHE A 128 2.28 12.21 0.81
C PHE A 128 2.26 10.72 1.13
N SER A 129 3.31 10.24 1.79
CA SER A 129 3.37 8.85 2.22
C SER A 129 2.27 8.61 3.26
N GLY A 130 2.17 9.52 4.23
CA GLY A 130 1.14 9.40 5.26
C GLY A 130 -0.27 9.40 4.70
N LEU A 132 -1.37 8.85 1.48
CA LEU A 132 -1.65 7.67 0.65
C LEU A 132 -1.91 6.39 1.46
N THR A 133 -1.18 6.21 2.56
CA THR A 133 -1.37 5.05 3.42
C THR A 133 -2.75 5.06 4.10
N VAL A 134 -3.10 6.20 4.69
CA VAL A 134 -4.40 6.33 5.34
C VAL A 134 -5.53 6.30 4.31
N VAL A 135 -5.32 6.89 3.13
CA VAL A 135 -6.36 6.85 2.11
C VAL A 135 -6.62 5.41 1.63
N LEU A 136 -5.54 4.68 1.37
CA LEU A 136 -5.67 3.26 1.04
C LEU A 136 -6.46 2.50 2.11
N LYS A 137 -6.13 2.72 3.38
CA LYS A 137 -6.86 2.07 4.48
C LYS A 137 -8.36 2.42 4.49
N LEU A 138 -8.66 3.71 4.34
CA LEU A 138 -10.02 4.23 4.37
C LEU A 138 -10.86 3.67 3.23
N LEU A 139 -10.21 3.48 2.10
CA LEU A 139 -10.88 2.96 0.90
C LEU A 139 -11.16 1.48 1.07
N GLN A 140 -10.25 0.80 1.78
CA GLN A 140 -10.34 -0.65 1.98
C GLN A 140 -11.43 -0.92 3.00
N ILE A 141 -11.60 0.02 3.92
CA ILE A 141 -12.63 -0.08 4.94
C ILE A 141 -13.99 0.27 4.33
N THR A 142 -14.08 1.39 3.61
CA THR A 142 -15.39 1.91 3.19
C THR A 142 -15.92 1.29 1.89
N LYS A 143 -15.00 0.85 1.03
CA LYS A 143 -15.34 0.24 -0.26
C LYS A 143 -16.49 0.98 -0.94
N PRO A 144 -16.28 2.26 -1.24
CA PRO A 144 -17.33 3.06 -1.85
C PRO A 144 -17.34 2.91 -3.35
N ASN A 145 -18.45 3.31 -3.96
CA ASN A 145 -18.57 3.40 -5.40
C ASN A 145 -17.95 4.69 -5.93
N ASN A 146 -18.13 5.78 -5.16
CA ASN A 146 -17.70 7.11 -5.56
C ASN A 146 -16.91 7.85 -4.47
N LEU A 147 -15.76 8.40 -4.86
CA LEU A 147 -14.91 9.14 -3.95
C LEU A 147 -14.88 10.62 -4.35
N TYR A 148 -15.13 11.52 -3.39
CA TYR A 148 -15.18 12.98 -3.67
C TYR A 148 -13.98 13.68 -3.06
N LEU A 149 -13.24 14.40 -3.91
CA LEU A 149 -12.00 15.08 -3.55
C LEU A 149 -12.04 16.52 -4.06
N GLY A 150 -11.41 17.43 -3.31
CA GLY A 150 -11.35 18.82 -3.72
C GLY A 150 -10.15 19.07 -4.63
N GLU A 151 -10.37 19.85 -5.69
CA GLU A 151 -9.29 20.25 -6.59
C GLU A 151 -8.17 21.05 -5.87
N LYS A 152 -8.51 21.70 -4.77
CA LYS A 152 -7.52 22.52 -4.07
C LYS A 152 -6.25 21.75 -3.72
N ASP A 153 -6.42 20.49 -3.33
CA ASP A 153 -5.29 19.63 -3.03
C ASP A 153 -4.97 18.85 -4.30
N TYR A 154 -4.40 19.56 -5.27
CA TYR A 154 -4.24 19.03 -6.64
C TYR A 154 -3.38 17.79 -6.76
N GLN A 155 -2.22 17.85 -6.11
CA GLN A 155 -1.29 16.71 -6.13
C GLN A 155 -1.90 15.48 -5.44
N GLN A 156 -2.55 15.74 -4.30
CA GLN A 156 -3.35 14.73 -3.60
C GLN A 156 -4.30 14.01 -4.56
N VAL A 157 -5.08 14.77 -5.34
CA VAL A 157 -6.00 14.14 -6.31
C VAL A 157 -5.27 13.20 -7.27
N LEU A 159 -2.31 11.81 -7.04
CA LEU A 159 -1.76 10.70 -6.31
C LEU A 159 -2.84 9.67 -5.95
N ILE A 160 -4.02 10.15 -5.56
CA ILE A 160 -5.06 9.20 -5.19
C ILE A 160 -5.57 8.46 -6.46
N LYS A 161 -5.56 9.14 -7.61
CA LYS A 161 -6.01 8.49 -8.84
C LYS A 161 -5.01 7.39 -9.17
N GLN A 162 -3.73 7.65 -8.91
CA GLN A 162 -2.70 6.64 -9.20
C GLN A 162 -2.83 5.45 -8.22
N LEU A 163 -3.08 5.76 -6.95
CA LEU A 163 -3.34 4.74 -5.92
C LEU A 163 -4.49 3.81 -6.27
N VAL A 164 -5.59 4.38 -6.75
CA VAL A 164 -6.82 3.62 -7.07
C VAL A 164 -6.56 2.70 -8.26
N LYS A 165 -5.77 3.19 -9.21
CA LYS A 165 -5.37 2.45 -10.39
C LYS A 165 -4.41 1.29 -10.05
N ASP A 166 -3.41 1.59 -9.25
CA ASP A 166 -2.32 0.65 -8.95
C ASP A 166 -2.77 -0.47 -8.05
N PHE A 167 -3.73 -0.19 -7.18
CA PHE A 167 -4.17 -1.23 -6.27
C PHE A 167 -5.59 -1.66 -6.54
N PHE A 168 -5.99 -1.49 -7.79
CA PHE A 168 -7.20 -2.10 -8.33
C PHE A 168 -8.42 -1.88 -7.47
N ILE A 169 -8.61 -0.64 -7.06
CA ILE A 169 -9.77 -0.26 -6.26
C ILE A 169 -10.88 0.21 -7.21
N ASN A 170 -12.02 -0.46 -7.18
CA ASN A 170 -13.10 -0.11 -8.12
C ASN A 170 -13.97 1.00 -7.57
N THR A 171 -13.45 2.21 -7.64
CA THR A 171 -14.06 3.40 -7.09
C THR A 171 -13.85 4.51 -8.11
N LYS A 172 -14.91 5.25 -8.43
CA LYS A 172 -14.77 6.39 -9.31
C LYS A 172 -14.33 7.59 -8.47
N ILE A 173 -13.48 8.44 -9.04
CA ILE A 173 -13.06 9.66 -8.35
C ILE A 173 -13.69 10.90 -8.99
N ILE A 174 -14.40 11.66 -8.16
CA ILE A 174 -15.06 12.91 -8.57
C ILE A 174 -14.30 14.10 -7.97
N VAL A 175 -13.68 14.94 -8.82
CA VAL A 175 -12.97 16.13 -8.36
C VAL A 175 -13.90 17.35 -8.34
N CYS A 176 -13.83 18.14 -7.27
CA CYS A 176 -14.79 19.21 -7.04
C CYS A 176 -14.09 20.57 -6.91
N PRO A 177 -14.75 21.65 -7.38
CA PRO A 177 -14.16 22.98 -7.48
C PRO A 177 -13.85 23.53 -6.12
N THR A 178 -12.79 24.31 -6.03
CA THR A 178 -12.36 24.91 -4.78
C THR A 178 -13.33 26.03 -4.34
N GLN A 179 -13.90 25.88 -3.15
CA GLN A 179 -14.78 26.91 -2.62
C GLN A 179 -13.94 28.01 -2.00
N ARG A 180 -14.36 29.26 -2.22
CA ARG A 180 -13.58 30.43 -1.85
C ARG A 180 -14.40 31.47 -1.05
N GLN A 181 -13.69 32.21 -0.17
CA GLN A 181 -14.19 33.48 0.38
C GLN A 181 -14.38 34.55 -0.70
N PRO A 182 -15.17 35.59 -0.39
CA PRO A 182 -15.38 36.61 -1.42
C PRO A 182 -14.06 37.17 -2.01
N SER A 183 -13.01 37.25 -1.18
CA SER A 183 -11.71 37.76 -1.62
C SER A 183 -11.02 36.83 -2.61
N GLY A 184 -11.41 35.56 -2.60
CA GLY A 184 -10.74 34.53 -3.39
C GLY A 184 -10.00 33.52 -2.51
N LEU A 185 -9.68 33.89 -1.28
CA LEU A 185 -9.07 32.97 -0.32
C LEU A 185 -9.85 31.65 -0.19
N PRO A 186 -9.18 30.53 -0.51
CA PRO A 186 -9.79 29.21 -0.39
C PRO A 186 -10.26 28.95 1.04
N LEU A 187 -11.40 28.30 1.17
CA LEU A 187 -11.80 27.78 2.48
C LEU A 187 -10.87 26.64 2.90
N SER A 188 -10.45 26.65 4.17
CA SER A 188 -9.55 25.63 4.72
C SER A 188 -9.72 25.54 6.24
N SER A 189 -9.60 24.35 6.81
CA SER A 189 -9.77 24.16 8.25
C SER A 189 -8.76 24.97 9.07
N ARG A 190 -7.51 25.01 8.59
CA ARG A 190 -6.47 25.75 9.28
C ARG A 190 -6.78 27.26 9.34
N ASN A 191 -7.67 27.73 8.46
CA ASN A 191 -8.12 29.12 8.51
C ASN A 191 -8.68 29.47 9.88
N LYS A 192 -9.20 28.46 10.61
CA LYS A 192 -9.82 28.73 11.91
C LYS A 192 -8.75 29.16 12.92
N ASN A 193 -7.49 28.93 12.57
CA ASN A 193 -6.37 29.30 13.43
C ASN A 193 -5.88 30.71 13.16
N LEU A 194 -6.43 31.35 12.12
CA LEU A 194 -6.04 32.72 11.78
C LEU A 194 -6.70 33.74 12.71
N THR A 195 -5.91 34.67 13.22
CA THR A 195 -6.46 35.77 13.98
C THR A 195 -7.15 36.74 13.02
N SER A 196 -7.77 37.78 13.59
CA SER A 196 -8.43 38.81 12.80
C SER A 196 -7.47 39.54 11.87
N THR A 197 -6.29 39.91 12.37
CA THR A 197 -5.30 40.58 11.53
C THR A 197 -4.71 39.63 10.48
N ASP A 198 -4.54 38.35 10.85
CA ASP A 198 -4.16 37.31 9.89
C ASP A 198 -5.14 37.25 8.72
N ILE A 199 -6.43 37.26 9.05
CA ILE A 199 -7.50 37.25 8.06
C ILE A 199 -7.32 38.39 7.06
N GLU A 200 -6.88 39.56 7.53
CA GLU A 200 -6.78 40.73 6.66
C GLU A 200 -5.54 40.63 5.77
N ILE A 201 -4.50 40.01 6.29
CA ILE A 201 -3.34 39.70 5.47
C ILE A 201 -3.74 38.71 4.39
N ALA A 202 -4.46 37.66 4.78
CA ALA A 202 -4.88 36.66 3.80
C ALA A 202 -5.65 37.34 2.67
N ASN A 203 -6.60 38.22 3.01
CA ASN A 203 -7.39 38.93 2.00
C ASN A 203 -6.54 39.83 1.08
N LYS A 204 -5.58 40.54 1.65
CA LYS A 204 -4.63 41.32 0.86
C LYS A 204 -3.84 40.47 -0.14
N ILE A 205 -3.40 39.30 0.28
N ILE A 205 -3.43 39.29 0.27
CA ILE A 205 -2.72 38.39 -0.63
CA ILE A 205 -2.75 38.36 -0.63
C ILE A 205 -3.61 38.12 -1.86
C ILE A 205 -3.62 38.13 -1.87
N TYR A 206 -4.90 37.86 -1.63
CA TYR A 206 -5.80 37.52 -2.72
C TYR A 206 -6.27 38.72 -3.55
N GLU A 207 -6.13 39.91 -2.99
CA GLU A 207 -6.40 41.13 -3.72
C GLU A 207 -5.27 41.30 -4.71
N ILE A 208 -4.08 40.92 -4.29
CA ILE A 208 -2.89 40.96 -5.13
C ILE A 208 -2.96 39.91 -6.23
N LEU A 209 -3.29 38.69 -5.84
CA LEU A 209 -3.36 37.61 -6.81
C LEU A 209 -4.36 37.91 -7.93
N ARG A 210 -5.53 38.44 -7.56
CA ARG A 210 -6.58 38.74 -8.54
C ARG A 210 -6.20 39.77 -9.58
N GLN A 211 -5.31 40.69 -9.22
CA GLN A 211 -4.80 41.68 -10.17
C GLN A 211 -3.55 41.25 -10.93
N ASP A 212 -3.07 40.02 -10.73
CA ASP A 212 -1.77 39.65 -11.30
C ASP A 212 -1.90 38.84 -12.58
N ASP A 213 -0.89 38.96 -13.45
CA ASP A 213 -0.84 38.15 -14.66
C ASP A 213 0.18 37.03 -14.54
N PHE A 214 0.94 37.04 -13.46
CA PHE A 214 1.85 35.94 -13.16
C PHE A 214 2.99 35.87 -14.17
N SER A 215 3.25 36.97 -14.85
CA SER A 215 4.36 36.98 -15.82
C SER A 215 5.69 37.12 -15.10
N ASN A 216 5.64 37.51 -13.83
CA ASN A 216 6.84 37.71 -13.05
C ASN A 216 6.62 37.27 -11.60
N LEU A 217 6.93 36.01 -11.32
CA LEU A 217 6.68 35.45 -10.00
C LEU A 217 7.58 36.04 -8.92
N GLU A 218 8.74 36.54 -9.34
CA GLU A 218 9.67 37.22 -8.43
C GLU A 218 9.05 38.46 -7.80
N GLU A 219 8.52 39.34 -8.63
CA GLU A 219 7.88 40.56 -8.12
C GLU A 219 6.60 40.21 -7.36
N LEU A 220 5.93 39.15 -7.80
N LEU A 220 5.93 39.13 -7.78
CA LEU A 220 4.69 38.71 -7.16
CA LEU A 220 4.69 38.72 -7.14
C LEU A 220 5.01 38.19 -5.76
C LEU A 220 5.00 38.18 -5.75
N THR A 221 6.13 37.49 -5.64
CA THR A 221 6.56 36.94 -4.37
C THR A 221 6.83 38.11 -3.41
N ASN A 222 7.52 39.12 -3.90
CA ASN A 222 7.81 40.31 -3.07
C ASN A 222 6.54 41.01 -2.60
N LYS A 223 5.52 41.06 -3.46
CA LYS A 223 4.27 41.72 -3.08
C LYS A 223 3.54 40.93 -2.00
N ILE A 224 3.50 39.61 -2.16
CA ILE A 224 2.90 38.74 -1.17
C ILE A 224 3.65 38.79 0.18
N ASN A 225 4.98 38.75 0.13
CA ASN A 225 5.77 38.85 1.35
C ASN A 225 5.63 40.21 2.03
N SER A 226 5.28 41.25 1.27
CA SER A 226 5.17 42.56 1.87
C SER A 226 3.87 42.73 2.67
N THR A 227 2.97 41.74 2.60
CA THR A 227 1.73 41.81 3.39
C THR A 227 1.99 41.32 4.79
N GLY A 228 3.16 40.67 4.98
CA GLY A 228 3.46 40.05 6.26
C GLY A 228 3.34 38.54 6.24
N ALA A 229 2.73 38.01 5.19
CA ALA A 229 2.76 36.57 4.94
C ALA A 229 4.18 36.14 4.53
N LYS A 230 4.50 34.85 4.64
CA LYS A 230 5.77 34.31 4.11
C LYS A 230 5.52 33.25 3.06
N LEU A 231 5.87 33.59 1.84
CA LEU A 231 5.62 32.71 0.72
C LEU A 231 6.57 31.49 0.83
N GLN A 232 5.99 30.29 0.75
CA GLN A 232 6.78 29.05 0.66
C GLN A 232 7.23 28.79 -0.77
N TYR A 233 6.27 28.74 -1.69
CA TYR A 233 6.59 28.59 -3.10
C TYR A 233 5.47 29.14 -3.94
N ILE A 234 5.81 29.54 -5.15
CA ILE A 234 4.80 29.82 -6.17
C ILE A 234 5.37 29.35 -7.49
N GLN A 235 4.57 28.60 -8.23
CA GLN A 235 5.06 28.00 -9.46
C GLN A 235 3.95 27.81 -10.48
N LYS A 236 4.33 27.86 -11.75
CA LYS A 236 3.44 27.44 -12.82
C LYS A 236 3.72 25.99 -13.17
N LEU A 237 2.71 25.15 -13.05
CA LEU A 237 2.82 23.78 -13.53
C LEU A 237 1.77 23.63 -14.61
N ASN A 238 2.22 23.36 -15.84
CA ASN A 238 1.29 23.33 -16.96
C ASN A 238 0.63 24.69 -17.13
N ASN A 239 -0.70 24.75 -17.04
CA ASN A 239 -1.35 26.06 -17.12
C ASN A 239 -1.99 26.50 -15.81
N ARG A 240 -1.47 25.98 -14.71
CA ARG A 240 -1.98 26.35 -13.39
C ARG A 240 -0.90 27.05 -12.59
N ILE A 241 -1.32 27.92 -11.69
CA ILE A 241 -0.45 28.43 -10.65
C ILE A 241 -0.66 27.63 -9.36
N PHE A 242 0.44 27.18 -8.77
CA PHE A 242 0.48 26.54 -7.46
C PHE A 242 1.23 27.42 -6.46
N LEU A 243 0.68 27.56 -5.26
CA LEU A 243 1.38 28.29 -4.20
C LEU A 243 1.03 27.77 -2.81
N ALA A 244 1.86 28.17 -1.86
CA ALA A 244 1.68 27.87 -0.45
C ALA A 244 2.39 28.98 0.29
N PHE A 245 1.84 29.36 1.44
CA PHE A 245 2.43 30.44 2.24
C PHE A 245 2.02 30.27 3.70
N TYR A 246 2.78 30.90 4.59
CA TYR A 246 2.45 30.94 6.00
C TYR A 246 1.91 32.33 6.33
N ILE A 247 0.90 32.40 7.20
CA ILE A 247 0.61 33.64 7.91
C ILE A 247 0.72 33.27 9.38
N GLY A 248 1.68 33.89 10.07
CA GLY A 248 2.05 33.40 11.39
C GLY A 248 2.46 31.94 11.28
N LYS A 249 1.80 31.08 12.07
CA LYS A 249 2.11 29.65 12.08
C LYS A 249 1.16 28.83 11.23
N VAL A 250 0.31 29.52 10.47
CA VAL A 250 -0.74 28.86 9.71
C VAL A 250 -0.30 28.69 8.27
N ARG A 251 -0.21 27.45 7.81
N ARG A 251 -0.23 27.44 7.81
CA ARG A 251 0.22 27.17 6.45
CA ARG A 251 0.25 27.19 6.46
C ARG A 251 -0.95 26.90 5.52
C ARG A 251 -0.94 26.92 5.54
N LEU A 252 -1.13 27.78 4.54
CA LEU A 252 -2.22 27.63 3.55
C LEU A 252 -1.69 27.39 2.13
N ILE A 253 -2.47 26.66 1.31
CA ILE A 253 -2.09 26.37 -0.07
C ILE A 253 -3.25 26.68 -0.99
N ASP A 254 -2.92 26.82 -2.26
CA ASP A 254 -3.90 27.09 -3.29
C ASP A 254 -3.37 26.67 -4.69
N ASN A 255 -4.27 26.40 -5.61
CA ASN A 255 -3.89 26.32 -7.00
C ASN A 255 -5.10 26.75 -7.84
N PHE A 256 -4.84 27.34 -8.98
CA PHE A 256 -5.90 27.79 -9.90
C PHE A 256 -5.31 27.91 -11.30
N LEU A 257 -6.17 27.93 -12.32
CA LEU A 257 -5.73 28.20 -13.70
C LEU A 257 -5.10 29.57 -13.80
N LYS A 258 -3.99 29.68 -14.53
CA LYS A 258 -3.29 30.95 -14.70
C LYS A 258 -4.16 31.99 -15.39
N GLU A 259 -4.93 31.55 -16.38
CA GLU A 259 -5.81 32.43 -17.16
C GLU A 259 -6.91 33.06 -16.30
N THR A 260 -7.34 32.33 -15.28
N THR A 260 -7.38 32.33 -15.29
CA THR A 260 -8.49 32.70 -14.47
CA THR A 260 -8.51 32.81 -14.47
C THR A 260 -8.10 33.40 -13.17
C THR A 260 -8.09 33.45 -13.15
N GLY A 261 -7.03 32.95 -12.54
CA GLY A 261 -6.68 33.40 -11.20
C GLY A 261 -7.68 32.80 -10.21
N PRO A 262 -7.65 33.25 -8.95
CA PRO A 262 -8.55 32.66 -7.95
C PRO A 262 -9.92 33.35 -8.00
N SER A 263 -10.67 33.10 -9.07
CA SER A 263 -11.86 33.90 -9.37
C SER A 263 -13.07 33.58 -8.49
N CYS A 264 -13.98 34.57 -8.38
CA CYS A 264 -15.30 34.46 -7.74
C CYS A 264 -15.47 35.29 -6.45
N ALA B 3 -9.72 -28.19 -19.25
CA ALA B 3 -10.68 -27.36 -18.50
C ALA B 3 -10.01 -26.19 -17.77
N ILE B 5 -8.48 -22.90 -16.95
CA ILE B 5 -8.54 -21.63 -17.63
C ILE B 5 -7.22 -20.92 -17.39
N ILE B 6 -6.61 -20.47 -18.48
CA ILE B 6 -5.36 -19.75 -18.39
C ILE B 6 -5.61 -18.32 -18.78
N ALA B 7 -5.39 -17.40 -17.83
CA ALA B 7 -5.58 -15.99 -18.10
C ALA B 7 -4.24 -15.27 -18.20
N ASP B 8 -3.88 -14.93 -19.44
CA ASP B 8 -2.61 -14.29 -19.81
C ASP B 8 -2.49 -12.81 -19.48
N ASN B 9 -3.59 -12.21 -19.02
CA ASN B 9 -3.63 -10.79 -18.73
C ASN B 9 -4.77 -10.41 -17.79
N ILE B 10 -4.70 -9.20 -17.25
CA ILE B 10 -5.63 -8.79 -16.21
C ILE B 10 -7.06 -8.72 -16.74
N LYS B 11 -7.25 -8.12 -17.91
CA LYS B 11 -8.59 -7.98 -18.46
C LYS B 11 -9.30 -9.33 -18.41
N GLN B 12 -8.65 -10.36 -18.95
CA GLN B 12 -9.26 -11.69 -19.00
C GLN B 12 -9.55 -12.14 -17.60
N PHE B 13 -8.58 -11.94 -16.71
CA PHE B 13 -8.74 -12.40 -15.33
C PHE B 13 -9.92 -11.73 -14.64
N HIS B 14 -10.03 -10.41 -14.78
CA HIS B 14 -11.16 -9.68 -14.19
C HIS B 14 -12.47 -10.34 -14.61
N SER B 15 -12.61 -10.60 -15.90
CA SER B 15 -13.81 -11.25 -16.42
C SER B 15 -14.05 -12.56 -15.69
N ILE B 16 -13.01 -13.39 -15.61
CA ILE B 16 -13.12 -14.68 -14.93
C ILE B 16 -13.50 -14.51 -13.46
N ARG B 17 -12.83 -13.60 -12.77
N ARG B 17 -12.83 -13.59 -12.78
CA ARG B 17 -13.06 -13.39 -11.34
CA ARG B 17 -13.05 -13.38 -11.35
C ARG B 17 -14.46 -12.85 -11.07
C ARG B 17 -14.46 -12.83 -11.06
N ASN B 18 -14.94 -11.95 -11.94
CA ASN B 18 -16.25 -11.37 -11.74
C ASN B 18 -17.38 -12.39 -11.95
N SER B 19 -17.07 -13.50 -12.60
CA SER B 19 -18.07 -14.53 -12.88
C SER B 19 -18.28 -15.56 -11.76
N LEU B 20 -17.53 -15.42 -10.67
N LEU B 20 -17.53 -15.42 -10.67
CA LEU B 20 -17.69 -16.32 -9.52
CA LEU B 20 -17.67 -16.32 -9.52
C LEU B 20 -18.70 -15.77 -8.52
C LEU B 20 -18.65 -15.78 -8.47
N ILE B 21 -19.53 -16.65 -7.97
CA ILE B 21 -20.51 -16.25 -6.96
C ILE B 21 -19.87 -16.23 -5.57
N LYS B 22 -20.34 -15.33 -4.70
CA LYS B 22 -19.74 -15.12 -3.39
C LYS B 22 -19.73 -16.42 -2.60
N GLN B 23 -20.64 -17.31 -2.95
CA GLN B 23 -20.82 -18.56 -2.24
C GLN B 23 -19.61 -19.49 -2.37
N GLN B 24 -18.92 -19.43 -3.51
CA GLN B 24 -17.75 -20.28 -3.72
C GLN B 24 -16.60 -19.84 -2.84
N LYS B 25 -15.98 -20.77 -2.12
CA LYS B 25 -14.73 -20.50 -1.45
C LYS B 25 -13.60 -20.43 -2.49
N ILE B 26 -12.85 -19.36 -2.46
CA ILE B 26 -11.74 -19.15 -3.40
C ILE B 26 -10.41 -19.23 -2.66
N GLY B 27 -9.54 -20.14 -3.09
CA GLY B 27 -8.21 -20.23 -2.55
C GLY B 27 -7.16 -19.72 -3.54
N PHE B 28 -6.12 -19.10 -3.02
CA PHE B 28 -5.08 -18.52 -3.90
C PHE B 28 -3.69 -18.96 -3.50
N VAL B 29 -2.91 -19.33 -4.50
CA VAL B 29 -1.51 -19.69 -4.28
C VAL B 29 -0.64 -18.88 -5.25
N PRO B 30 0.04 -17.85 -4.73
CA PRO B 30 0.97 -17.03 -5.52
C PRO B 30 2.33 -17.72 -5.68
N THR B 31 2.94 -17.66 -6.86
CA THR B 31 4.23 -18.33 -7.03
C THR B 31 4.96 -17.63 -8.14
N GLY B 33 6.54 -19.54 -10.38
CA GLY B 33 6.66 -20.61 -11.38
C GLY B 33 7.79 -21.59 -11.11
N ALA B 34 8.13 -22.37 -12.13
CA ALA B 34 9.14 -23.43 -12.01
C ALA B 34 8.75 -24.30 -10.82
N LEU B 35 7.61 -24.95 -10.94
CA LEU B 35 6.92 -25.54 -9.78
C LEU B 35 7.56 -26.83 -9.31
N HIS B 36 7.66 -26.99 -8.00
CA HIS B 36 8.17 -28.22 -7.43
C HIS B 36 7.22 -28.72 -6.33
N ASN B 37 7.62 -29.76 -5.61
CA ASN B 37 6.70 -30.41 -4.67
C ASN B 37 6.30 -29.52 -3.49
N GLY B 38 7.13 -28.51 -3.21
CA GLY B 38 6.79 -27.49 -2.26
C GLY B 38 5.54 -26.76 -2.72
N HIS B 39 5.60 -26.22 -3.93
CA HIS B 39 4.43 -25.52 -4.47
C HIS B 39 3.24 -26.47 -4.51
N ILE B 40 3.49 -27.70 -4.92
CA ILE B 40 2.40 -28.63 -5.13
C ILE B 40 1.70 -28.92 -3.81
N SER B 41 2.46 -28.97 -2.70
CA SER B 41 1.84 -29.25 -1.40
C SER B 41 0.84 -28.12 -1.05
N LEU B 42 1.17 -26.91 -1.48
CA LEU B 42 0.36 -25.74 -1.16
C LEU B 42 -0.91 -25.81 -1.99
N ILE B 43 -0.75 -26.16 -3.26
CA ILE B 43 -1.90 -26.31 -4.16
C ILE B 43 -2.85 -27.41 -3.66
N LYS B 44 -2.26 -28.51 -3.22
CA LYS B 44 -3.07 -29.64 -2.72
C LYS B 44 -3.91 -29.28 -1.48
N LYS B 45 -3.30 -28.51 -0.58
CA LYS B 45 -3.97 -27.98 0.58
C LYS B 45 -5.14 -27.08 0.16
N ALA B 46 -4.87 -26.18 -0.78
CA ALA B 46 -5.89 -25.26 -1.23
C ALA B 46 -7.03 -26.00 -1.95
N LYS B 47 -6.72 -27.07 -2.68
CA LYS B 47 -7.79 -27.83 -3.36
C LYS B 47 -8.69 -28.57 -2.35
N SER B 48 -8.14 -28.89 -1.19
CA SER B 48 -8.90 -29.66 -0.19
C SER B 48 -9.88 -28.78 0.60
N GLU B 49 -9.73 -27.47 0.46
CA GLU B 49 -10.38 -26.50 1.33
C GLU B 49 -11.20 -25.46 0.56
N ASN B 50 -11.06 -25.46 -0.77
CA ASN B 50 -11.77 -24.47 -1.58
C ASN B 50 -12.57 -25.06 -2.74
N ASP B 51 -13.57 -24.31 -3.20
CA ASP B 51 -14.35 -24.69 -4.36
C ASP B 51 -13.59 -24.31 -5.63
N VAL B 52 -12.81 -23.22 -5.54
CA VAL B 52 -12.09 -22.65 -6.69
C VAL B 52 -10.67 -22.33 -6.25
N VAL B 53 -9.69 -22.91 -6.93
CA VAL B 53 -8.29 -22.60 -6.63
C VAL B 53 -7.65 -21.83 -7.78
N ILE B 54 -7.07 -20.68 -7.45
CA ILE B 54 -6.31 -19.86 -8.40
C ILE B 54 -4.81 -19.95 -8.07
N VAL B 55 -3.99 -20.11 -9.10
CA VAL B 55 -2.52 -20.08 -8.90
C VAL B 55 -1.95 -18.99 -9.77
N SER B 56 -1.08 -18.13 -9.22
CA SER B 56 -0.42 -17.15 -10.07
C SER B 56 1.00 -17.60 -10.37
N ILE B 57 1.48 -17.24 -11.53
CA ILE B 57 2.89 -17.39 -11.87
C ILE B 57 3.36 -16.02 -12.36
N PHE B 58 4.22 -15.39 -11.58
CA PHE B 58 4.70 -14.07 -11.90
C PHE B 58 6.05 -13.87 -11.26
N VAL B 59 7.08 -13.81 -12.11
CA VAL B 59 8.41 -13.54 -11.66
C VAL B 59 8.46 -12.03 -11.46
N ASN B 60 8.24 -11.60 -10.23
CA ASN B 60 8.15 -10.17 -9.92
C ASN B 60 9.48 -9.40 -9.95
N PRO B 61 9.67 -8.57 -10.98
CA PRO B 61 10.95 -7.87 -11.13
C PRO B 61 11.31 -6.99 -9.92
N THR B 62 10.33 -6.42 -9.23
CA THR B 62 10.63 -5.40 -8.21
C THR B 62 11.17 -5.98 -6.92
N GLN B 63 11.05 -7.30 -6.77
CA GLN B 63 11.58 -7.97 -5.59
C GLN B 63 12.94 -8.65 -5.81
N PHE B 64 13.54 -8.40 -6.97
CA PHE B 64 14.87 -8.95 -7.27
C PHE B 64 15.87 -7.85 -7.07
N ASN B 65 16.64 -7.96 -5.99
CA ASN B 65 17.67 -6.97 -5.71
C ASN B 65 18.92 -7.26 -6.55
N ASN B 66 19.00 -8.49 -7.07
CA ASN B 66 20.13 -8.97 -7.85
C ASN B 66 19.71 -9.28 -9.30
N PRO B 67 20.29 -8.54 -10.25
CA PRO B 67 19.94 -8.56 -11.66
C PRO B 67 20.23 -9.91 -12.28
N ASN B 68 21.35 -10.50 -11.86
CA ASN B 68 21.75 -11.81 -12.36
C ASN B 68 20.79 -12.87 -11.85
N ASP B 69 20.51 -12.82 -10.54
CA ASP B 69 19.46 -13.67 -9.97
C ASP B 69 18.22 -13.58 -10.87
N TYR B 70 17.74 -12.37 -11.14
CA TYR B 70 16.58 -12.18 -12.01
C TYR B 70 16.72 -12.79 -13.40
N GLN B 71 17.84 -12.51 -14.06
CA GLN B 71 18.05 -12.93 -15.44
C GLN B 71 18.08 -14.46 -15.56
N THR B 72 18.59 -15.09 -14.51
CA THR B 72 18.77 -16.54 -14.52
C THR B 72 17.64 -17.27 -13.80
N TYR B 73 16.59 -16.56 -13.39
CA TYR B 73 15.58 -17.27 -12.61
C TYR B 73 14.89 -18.35 -13.48
N PRO B 74 14.73 -19.55 -12.93
CA PRO B 74 14.27 -20.68 -13.77
C PRO B 74 12.91 -20.41 -14.43
N ASN B 75 12.73 -20.96 -15.62
CA ASN B 75 11.58 -20.62 -16.43
C ASN B 75 11.15 -21.84 -17.28
N GLN B 76 9.92 -22.30 -17.07
CA GLN B 76 9.41 -23.53 -17.69
C GLN B 76 7.89 -23.47 -17.66
N LEU B 77 7.33 -22.48 -18.34
CA LEU B 77 5.89 -22.24 -18.33
C LEU B 77 5.13 -23.48 -18.79
N GLN B 78 5.56 -24.10 -19.88
CA GLN B 78 4.77 -25.22 -20.39
C GLN B 78 4.72 -26.39 -19.40
N GLN B 79 5.86 -26.73 -18.80
CA GLN B 79 5.85 -27.77 -17.78
C GLN B 79 4.95 -27.38 -16.59
N ASP B 80 5.08 -26.12 -16.16
CA ASP B 80 4.26 -25.59 -15.07
C ASP B 80 2.76 -25.75 -15.36
N ILE B 81 2.36 -25.34 -16.57
CA ILE B 81 0.96 -25.47 -16.95
C ILE B 81 0.55 -26.93 -16.85
N GLN B 82 1.38 -27.82 -17.37
CA GLN B 82 1.08 -29.26 -17.32
C GLN B 82 0.88 -29.79 -15.90
N ILE B 83 1.68 -29.29 -14.96
CA ILE B 83 1.55 -29.67 -13.56
C ILE B 83 0.22 -29.16 -12.97
N LEU B 84 -0.07 -27.88 -13.22
CA LEU B 84 -1.30 -27.26 -12.71
C LEU B 84 -2.54 -27.93 -13.28
N ALA B 85 -2.52 -28.23 -14.58
CA ALA B 85 -3.64 -28.97 -15.17
C ALA B 85 -3.75 -30.36 -14.53
N SER B 86 -2.61 -31.00 -14.26
CA SER B 86 -2.64 -32.33 -13.66
C SER B 86 -3.34 -32.30 -12.28
N LEU B 87 -3.10 -31.22 -11.54
CA LEU B 87 -3.68 -31.01 -10.23
C LEU B 87 -5.11 -30.48 -10.27
N ASP B 88 -5.67 -30.29 -11.46
CA ASP B 88 -7.01 -29.73 -11.60
C ASP B 88 -7.17 -28.32 -11.02
N VAL B 89 -6.11 -27.53 -11.11
CA VAL B 89 -6.20 -26.12 -10.72
C VAL B 89 -7.22 -25.42 -11.62
N ASP B 90 -8.07 -24.59 -11.05
CA ASP B 90 -9.13 -23.97 -11.82
C ASP B 90 -8.67 -22.84 -12.73
N VAL B 91 -7.85 -21.94 -12.19
CA VAL B 91 -7.39 -20.78 -12.98
C VAL B 91 -5.89 -20.59 -12.81
N LEU B 92 -5.18 -20.40 -13.93
CA LEU B 92 -3.79 -19.92 -13.88
C LEU B 92 -3.81 -18.45 -14.30
N PHE B 93 -3.25 -17.58 -13.44
CA PHE B 93 -3.10 -16.17 -13.74
C PHE B 93 -1.61 -15.95 -13.98
N ASN B 94 -1.25 -15.52 -15.18
CA ASN B 94 0.14 -15.46 -15.57
C ASN B 94 0.28 -14.15 -16.32
N PRO B 95 0.29 -13.03 -15.58
CA PRO B 95 0.22 -11.70 -16.14
C PRO B 95 1.60 -11.27 -16.63
N SER B 96 1.62 -10.25 -17.47
CA SER B 96 2.87 -9.60 -17.88
C SER B 96 3.25 -8.52 -16.85
N GLU B 97 4.47 -8.00 -16.96
CA GLU B 97 4.92 -6.91 -16.09
C GLU B 97 4.00 -5.68 -16.20
N LYS B 98 3.61 -5.36 -17.44
CA LYS B 98 2.81 -4.17 -17.74
C LYS B 98 1.40 -4.31 -17.20
N ASP B 99 0.91 -5.54 -17.10
CA ASP B 99 -0.37 -5.80 -16.44
C ASP B 99 -0.32 -5.41 -14.98
N ILE B 100 0.78 -5.74 -14.33
CA ILE B 100 0.85 -5.56 -12.89
C ILE B 100 1.34 -4.15 -12.55
N TYR B 101 2.26 -3.63 -13.37
CA TYR B 101 2.75 -2.27 -13.20
C TYR B 101 2.54 -1.44 -14.46
N PRO B 102 1.28 -1.03 -14.71
CA PRO B 102 0.89 -0.23 -15.89
C PRO B 102 1.77 1.02 -16.08
N ASP B 103 2.17 1.66 -14.99
CA ASP B 103 2.96 2.90 -15.05
C ASP B 103 4.31 2.77 -14.35
N GLY B 104 4.81 1.54 -14.26
CA GLY B 104 6.05 1.29 -13.55
C GLY B 104 5.80 1.13 -12.08
N ASN B 105 6.88 1.15 -11.30
CA ASN B 105 6.82 0.92 -9.88
C ASN B 105 6.81 2.27 -9.15
N LEU B 106 5.65 2.93 -9.18
CA LEU B 106 5.54 4.31 -8.69
C LEU B 106 5.12 4.39 -7.22
N LEU B 107 4.19 3.51 -6.83
CA LEU B 107 3.67 3.42 -5.47
C LEU B 107 4.11 2.10 -4.85
N ARG B 108 4.92 2.16 -3.82
CA ARG B 108 5.46 0.95 -3.22
C ARG B 108 5.07 0.80 -1.77
N ILE B 109 4.81 -0.42 -1.33
CA ILE B 109 4.73 -0.67 0.10
C ILE B 109 6.13 -0.71 0.70
N GLU B 110 6.37 0.17 1.69
N GLU B 110 6.39 0.18 1.67
CA GLU B 110 7.65 0.21 2.40
CA GLU B 110 7.67 0.19 2.39
C GLU B 110 7.50 -0.30 3.84
C GLU B 110 7.48 -0.32 3.83
N PRO B 111 8.13 -1.43 4.17
CA PRO B 111 8.04 -1.97 5.53
C PRO B 111 9.01 -1.27 6.47
N LYS B 112 8.48 -0.75 7.58
CA LYS B 112 9.30 -0.11 8.59
C LYS B 112 9.07 -0.80 9.90
N LEU B 113 9.72 -1.94 10.06
CA LEU B 113 9.66 -2.71 11.30
C LEU B 113 10.80 -3.70 11.37
N GLU B 114 11.13 -4.13 12.59
CA GLU B 114 12.32 -4.95 12.85
C GLU B 114 12.41 -6.19 11.98
N ILE B 115 11.34 -6.97 11.94
CA ILE B 115 11.39 -8.21 11.18
C ILE B 115 11.80 -7.99 9.70
N ALA B 116 11.60 -6.77 9.19
CA ALA B 116 12.01 -6.39 7.84
C ALA B 116 13.48 -6.04 7.74
N ASN B 117 14.08 -5.71 8.87
CA ASN B 117 15.44 -5.17 8.90
C ASN B 117 16.52 -6.22 9.12
N ILE B 118 16.11 -7.41 9.53
CA ILE B 118 17.07 -8.48 9.82
C ILE B 118 17.04 -9.61 8.78
N LEU B 119 17.99 -10.54 8.88
CA LEU B 119 17.94 -11.78 8.09
C LEU B 119 17.80 -11.52 6.56
N GLU B 120 16.77 -12.10 5.93
CA GLU B 120 16.49 -11.83 4.51
C GLU B 120 16.37 -10.32 4.18
N GLY B 121 15.74 -9.56 5.07
CA GLY B 121 15.57 -8.13 4.82
C GLY B 121 16.89 -7.43 4.65
N LYS B 122 17.85 -7.80 5.51
CA LYS B 122 19.16 -7.17 5.53
C LYS B 122 19.96 -7.69 4.34
N SER B 123 19.84 -8.98 4.10
CA SER B 123 20.59 -9.61 3.03
C SER B 123 20.07 -9.24 1.63
N ARG B 124 18.78 -8.92 1.54
N ARG B 124 18.77 -8.95 1.51
CA ARG B 124 18.21 -8.51 0.26
CA ARG B 124 18.19 -8.51 0.24
C ARG B 124 17.49 -7.16 0.39
C ARG B 124 17.50 -7.16 0.35
N PRO B 125 18.27 -6.06 0.26
CA PRO B 125 17.73 -4.70 0.39
C PRO B 125 16.69 -4.43 -0.71
N GLY B 126 15.50 -3.94 -0.37
CA GLY B 126 14.49 -3.66 -1.39
C GLY B 126 13.64 -4.83 -1.85
N HIS B 127 14.04 -6.04 -1.45
CA HIS B 127 13.27 -7.24 -1.74
C HIS B 127 11.88 -7.23 -1.09
N PHE B 128 11.80 -6.96 0.21
CA PHE B 128 10.52 -7.04 0.93
C PHE B 128 9.50 -5.99 0.44
N SER B 129 9.98 -4.78 0.13
CA SER B 129 9.13 -3.77 -0.49
C SER B 129 8.51 -4.30 -1.80
N GLY B 130 9.33 -4.88 -2.66
CA GLY B 130 8.84 -5.37 -3.94
C GLY B 130 7.85 -6.50 -3.78
N LEU B 132 6.00 -7.18 -1.01
CA LEU B 132 4.77 -6.67 -0.37
C LEU B 132 3.90 -5.90 -1.37
N THR B 133 4.55 -5.13 -2.25
CA THR B 133 3.81 -4.35 -3.23
C THR B 133 3.09 -5.29 -4.22
N VAL B 134 3.76 -6.36 -4.67
CA VAL B 134 3.16 -7.26 -5.64
C VAL B 134 2.09 -8.17 -5.01
N VAL B 135 2.30 -8.58 -3.77
CA VAL B 135 1.31 -9.40 -3.05
C VAL B 135 0.04 -8.59 -2.79
N LEU B 136 0.19 -7.32 -2.38
CA LEU B 136 -0.97 -6.45 -2.23
C LEU B 136 -1.74 -6.34 -3.56
N LYS B 137 -1.04 -6.16 -4.68
CA LYS B 137 -1.72 -5.99 -5.96
C LYS B 137 -2.40 -7.31 -6.38
N LEU B 138 -1.72 -8.43 -6.11
CA LEU B 138 -2.24 -9.73 -6.50
C LEU B 138 -3.46 -10.07 -5.63
N LEU B 139 -3.43 -9.66 -4.38
CA LEU B 139 -4.62 -9.85 -3.51
C LEU B 139 -5.81 -8.98 -3.94
N GLN B 140 -5.52 -7.77 -4.41
CA GLN B 140 -6.56 -6.86 -4.84
C GLN B 140 -7.16 -7.40 -6.13
N ILE B 141 -6.37 -8.15 -6.89
CA ILE B 141 -6.85 -8.66 -8.18
C ILE B 141 -7.67 -9.95 -8.01
N THR B 142 -7.16 -10.88 -7.23
CA THR B 142 -7.75 -12.22 -7.06
C THR B 142 -8.86 -12.23 -5.99
N LYS B 143 -8.77 -11.35 -5.00
CA LYS B 143 -9.80 -11.28 -3.95
C LYS B 143 -10.22 -12.66 -3.44
N PRO B 144 -9.25 -13.39 -2.84
CA PRO B 144 -9.51 -14.76 -2.41
C PRO B 144 -10.02 -14.83 -0.96
N ASN B 145 -10.68 -15.93 -0.63
CA ASN B 145 -11.05 -16.18 0.77
C ASN B 145 -9.86 -16.69 1.55
N ASN B 146 -9.04 -17.49 0.87
CA ASN B 146 -7.92 -18.20 1.50
C ASN B 146 -6.62 -18.05 0.71
N LEU B 147 -5.53 -17.75 1.40
CA LEU B 147 -4.20 -17.54 0.81
C LEU B 147 -3.25 -18.58 1.37
N TYR B 148 -2.54 -19.31 0.51
CA TYR B 148 -1.64 -20.37 0.96
C TYR B 148 -0.18 -19.94 0.77
N LEU B 149 0.61 -20.06 1.85
CA LEU B 149 2.00 -19.64 1.93
C LEU B 149 2.89 -20.73 2.55
N GLY B 150 4.14 -20.83 2.08
CA GLY B 150 5.10 -21.76 2.68
C GLY B 150 5.84 -21.17 3.88
N GLU B 151 6.05 -21.99 4.92
CA GLU B 151 6.79 -21.61 6.13
C GLU B 151 8.29 -21.35 5.85
N LYS B 152 8.79 -21.93 4.76
CA LYS B 152 10.18 -21.67 4.34
C LYS B 152 10.56 -20.17 4.25
N ASP B 153 9.65 -19.37 3.72
CA ASP B 153 9.88 -17.93 3.63
C ASP B 153 9.20 -17.31 4.84
N TYR B 154 9.86 -17.46 5.99
CA TYR B 154 9.22 -17.22 7.27
C TYR B 154 8.89 -15.75 7.47
N GLN B 155 9.82 -14.90 7.09
CA GLN B 155 9.62 -13.46 7.25
C GLN B 155 8.55 -12.97 6.29
N GLN B 156 8.57 -13.54 5.08
CA GLN B 156 7.58 -13.20 4.09
C GLN B 156 6.18 -13.48 4.69
N VAL B 157 6.03 -14.62 5.35
CA VAL B 157 4.74 -14.96 5.95
C VAL B 157 4.32 -13.88 6.94
N LEU B 159 5.27 -10.81 7.24
CA LEU B 159 5.00 -9.52 6.58
C LEU B 159 3.65 -9.53 5.85
N ILE B 160 3.33 -10.61 5.15
CA ILE B 160 2.06 -10.68 4.47
C ILE B 160 0.91 -10.67 5.50
N LYS B 161 1.10 -11.34 6.64
CA LYS B 161 0.10 -11.28 7.69
C LYS B 161 -0.14 -9.83 8.10
N GLN B 162 0.95 -9.06 8.22
CA GLN B 162 0.82 -7.67 8.69
C GLN B 162 0.13 -6.88 7.59
N LEU B 163 0.53 -7.14 6.36
CA LEU B 163 -0.09 -6.51 5.20
C LEU B 163 -1.61 -6.73 5.17
N VAL B 164 -2.05 -7.98 5.32
CA VAL B 164 -3.49 -8.27 5.25
C VAL B 164 -4.23 -7.61 6.41
N LYS B 165 -3.58 -7.59 7.57
CA LYS B 165 -4.14 -6.90 8.73
C LYS B 165 -4.28 -5.39 8.49
N ASP B 166 -3.19 -4.75 8.03
CA ASP B 166 -3.15 -3.28 7.94
C ASP B 166 -4.01 -2.71 6.83
N PHE B 167 -4.19 -3.47 5.75
CA PHE B 167 -5.01 -2.96 4.65
C PHE B 167 -6.38 -3.60 4.56
N PHE B 168 -6.80 -4.19 5.68
CA PHE B 168 -8.16 -4.67 5.86
C PHE B 168 -8.58 -5.58 4.70
N ILE B 169 -7.73 -6.55 4.41
CA ILE B 169 -8.02 -7.53 3.37
C ILE B 169 -8.70 -8.74 4.01
N ASN B 170 -9.87 -9.08 3.50
CA ASN B 170 -10.65 -10.14 4.15
C ASN B 170 -10.28 -11.52 3.64
N THR B 171 -9.06 -11.94 3.96
CA THR B 171 -8.52 -13.18 3.43
C THR B 171 -7.89 -13.93 4.58
N LYS B 172 -8.13 -15.23 4.68
CA LYS B 172 -7.45 -16.03 5.69
C LYS B 172 -6.09 -16.54 5.17
N ILE B 173 -5.08 -16.54 6.03
CA ILE B 173 -3.73 -17.01 5.63
C ILE B 173 -3.45 -18.39 6.23
N ILE B 174 -3.07 -19.34 5.38
CA ILE B 174 -2.78 -20.71 5.76
C ILE B 174 -1.31 -20.96 5.48
N VAL B 175 -0.56 -21.21 6.56
CA VAL B 175 0.86 -21.51 6.45
C VAL B 175 1.09 -23.01 6.39
N CYS B 176 1.88 -23.42 5.40
CA CYS B 176 2.12 -24.83 5.11
C CYS B 176 3.58 -25.21 5.40
N PRO B 177 3.82 -26.42 5.90
CA PRO B 177 5.18 -26.75 6.33
C PRO B 177 6.08 -26.84 5.11
N THR B 178 7.36 -26.58 5.33
N THR B 178 7.37 -26.59 5.30
CA THR B 178 8.38 -26.62 4.28
CA THR B 178 8.30 -26.59 4.17
C THR B 178 8.59 -28.07 3.79
C THR B 178 8.65 -28.01 3.76
N GLN B 179 8.41 -28.30 2.49
CA GLN B 179 8.71 -29.60 1.93
C GLN B 179 10.20 -29.73 1.68
N ARG B 180 10.79 -30.86 2.09
CA ARG B 180 12.24 -31.08 1.97
C ARG B 180 12.58 -32.38 1.26
N GLN B 181 13.75 -32.42 0.62
CA GLN B 181 14.37 -33.68 0.19
C GLN B 181 14.70 -34.55 1.41
N PRO B 182 14.97 -35.85 1.17
CA PRO B 182 15.36 -36.73 2.26
C PRO B 182 16.51 -36.18 3.10
N SER B 183 17.48 -35.55 2.45
CA SER B 183 18.62 -34.95 3.14
C SER B 183 18.23 -33.84 4.11
N GLY B 184 17.04 -33.28 3.88
CA GLY B 184 16.60 -32.13 4.65
C GLY B 184 16.59 -30.82 3.87
N LEU B 185 17.41 -30.75 2.82
CA LEU B 185 17.43 -29.62 1.91
C LEU B 185 16.02 -29.24 1.45
N PRO B 186 15.60 -28.00 1.71
CA PRO B 186 14.25 -27.61 1.30
C PRO B 186 14.12 -27.54 -0.22
N LEU B 187 12.95 -27.89 -0.75
CA LEU B 187 12.75 -27.74 -2.19
C LEU B 187 12.73 -26.24 -2.56
N SER B 188 13.40 -25.88 -3.64
CA SER B 188 13.44 -24.48 -4.07
C SER B 188 13.64 -24.37 -5.58
N SER B 189 12.96 -23.43 -6.24
CA SER B 189 13.11 -23.30 -7.71
C SER B 189 14.55 -23.02 -8.14
N ARG B 190 15.27 -22.22 -7.34
CA ARG B 190 16.66 -21.92 -7.66
C ARG B 190 17.54 -23.17 -7.63
N ASN B 191 17.12 -24.21 -6.92
N ASN B 191 17.09 -24.20 -6.89
CA ASN B 191 17.95 -25.41 -6.87
CA ASN B 191 17.75 -25.51 -6.84
C ASN B 191 18.06 -26.14 -8.21
C ASN B 191 18.11 -26.02 -8.22
N LYS B 192 17.21 -25.76 -9.16
CA LYS B 192 17.33 -26.25 -10.52
C LYS B 192 18.65 -25.77 -11.14
N ASN B 193 19.17 -24.66 -10.61
CA ASN B 193 20.40 -24.06 -11.15
C ASN B 193 21.65 -24.75 -10.62
N LEU B 194 21.48 -25.57 -9.58
CA LEU B 194 22.61 -26.27 -8.96
C LEU B 194 23.19 -27.35 -9.87
N THR B 195 24.50 -27.33 -10.03
CA THR B 195 25.19 -28.36 -10.79
C THR B 195 25.30 -29.63 -9.98
N SER B 196 25.91 -30.63 -10.59
CA SER B 196 26.10 -31.95 -10.00
C SER B 196 26.76 -31.93 -8.62
N THR B 197 27.93 -31.31 -8.53
CA THR B 197 28.72 -31.33 -7.30
C THR B 197 28.07 -30.46 -6.23
N ASP B 198 27.38 -29.41 -6.69
CA ASP B 198 26.71 -28.47 -5.81
C ASP B 198 25.68 -29.18 -4.97
N ILE B 199 25.00 -30.16 -5.56
CA ILE B 199 23.96 -30.87 -4.86
C ILE B 199 24.58 -31.67 -3.74
N GLU B 200 25.79 -32.16 -3.97
CA GLU B 200 26.48 -32.97 -2.97
C GLU B 200 26.90 -32.06 -1.84
N ILE B 201 27.33 -30.86 -2.20
CA ILE B 201 27.66 -29.87 -1.20
C ILE B 201 26.45 -29.57 -0.32
N ALA B 202 25.31 -29.31 -0.96
CA ALA B 202 24.08 -29.03 -0.24
C ALA B 202 23.75 -30.17 0.74
N ASN B 203 23.98 -31.40 0.28
CA ASN B 203 23.74 -32.57 1.12
C ASN B 203 24.73 -32.68 2.29
N LYS B 204 25.99 -32.32 2.05
CA LYS B 204 26.98 -32.20 3.13
C LYS B 204 26.47 -31.29 4.25
N ILE B 205 26.05 -30.10 3.84
CA ILE B 205 25.57 -29.08 4.77
C ILE B 205 24.42 -29.60 5.68
N TYR B 206 23.47 -30.32 5.07
CA TYR B 206 22.27 -30.76 5.80
C TYR B 206 22.55 -31.95 6.74
N GLU B 207 23.54 -32.75 6.38
CA GLU B 207 24.11 -33.73 7.32
C GLU B 207 24.73 -33.04 8.54
N ILE B 208 25.46 -31.97 8.29
CA ILE B 208 26.03 -31.17 9.38
C ILE B 208 24.88 -30.61 10.24
N LEU B 209 23.86 -30.05 9.60
CA LEU B 209 22.75 -29.44 10.33
C LEU B 209 21.96 -30.45 11.17
N ARG B 210 21.83 -31.67 10.67
CA ARG B 210 21.12 -32.71 11.39
C ARG B 210 21.93 -33.28 12.55
N GLN B 211 23.23 -33.03 12.55
CA GLN B 211 24.11 -33.46 13.64
C GLN B 211 24.30 -32.38 14.72
N ASP B 212 23.96 -31.13 14.39
CA ASP B 212 24.32 -29.99 15.24
C ASP B 212 23.27 -29.66 16.31
N ASP B 213 23.74 -29.21 17.47
CA ASP B 213 22.83 -28.75 18.53
C ASP B 213 22.63 -27.23 18.52
N PHE B 214 23.32 -26.55 17.60
CA PHE B 214 23.17 -25.10 17.40
C PHE B 214 23.63 -24.25 18.61
N SER B 215 24.43 -24.84 19.47
CA SER B 215 24.97 -24.11 20.64
C SER B 215 26.18 -23.23 20.28
N ASN B 216 26.80 -23.50 19.14
CA ASN B 216 27.99 -22.75 18.73
C ASN B 216 27.91 -22.36 17.27
N LEU B 217 27.31 -21.21 17.00
CA LEU B 217 27.07 -20.80 15.62
C LEU B 217 28.35 -20.46 14.84
N GLU B 218 29.35 -19.89 15.50
CA GLU B 218 30.65 -19.65 14.85
C GLU B 218 31.28 -20.94 14.33
N GLU B 219 31.32 -21.96 15.16
CA GLU B 219 31.87 -23.24 14.77
C GLU B 219 31.05 -23.90 13.65
N LEU B 220 29.72 -23.78 13.75
CA LEU B 220 28.86 -24.43 12.72
C LEU B 220 29.05 -23.72 11.38
N THR B 221 29.11 -22.39 11.43
CA THR B 221 29.50 -21.52 10.31
C THR B 221 30.78 -22.05 9.63
N ASN B 222 31.81 -22.31 10.42
CA ASN B 222 33.07 -22.86 9.90
C ASN B 222 32.91 -24.24 9.27
N LYS B 223 32.07 -25.08 9.87
CA LYS B 223 31.84 -26.41 9.33
C LYS B 223 31.10 -26.32 7.99
N ILE B 224 30.22 -25.34 7.86
CA ILE B 224 29.43 -25.13 6.65
C ILE B 224 30.27 -24.53 5.51
N ASN B 225 31.17 -23.61 5.87
CA ASN B 225 32.03 -22.97 4.88
C ASN B 225 33.07 -23.92 4.29
N SER B 226 33.42 -24.97 5.01
CA SER B 226 34.42 -25.92 4.56
C SER B 226 33.91 -26.84 3.44
N THR B 227 32.59 -26.98 3.35
CA THR B 227 31.97 -27.80 2.32
C THR B 227 32.13 -27.17 0.93
N GLY B 228 32.46 -25.88 0.90
CA GLY B 228 32.62 -25.16 -0.35
C GLY B 228 31.56 -24.10 -0.52
N ALA B 229 30.47 -24.25 0.23
CA ALA B 229 29.42 -23.25 0.25
C ALA B 229 29.95 -22.01 0.97
N LYS B 230 29.24 -20.90 0.82
CA LYS B 230 29.58 -19.68 1.55
C LYS B 230 28.36 -19.20 2.36
N LEU B 231 28.43 -19.35 3.67
CA LEU B 231 27.34 -18.94 4.54
C LEU B 231 27.20 -17.42 4.51
N GLN B 232 25.98 -16.94 4.30
CA GLN B 232 25.72 -15.52 4.37
C GLN B 232 25.37 -15.14 5.79
N TYR B 233 24.46 -15.90 6.41
CA TYR B 233 24.05 -15.66 7.78
C TYR B 233 23.44 -16.91 8.41
N ILE B 234 23.59 -17.02 9.72
CA ILE B 234 22.88 -18.04 10.49
C ILE B 234 22.55 -17.43 11.86
N GLN B 235 21.30 -17.57 12.29
CA GLN B 235 20.85 -16.94 13.51
C GLN B 235 19.84 -17.80 14.23
N LYS B 236 19.93 -17.80 15.55
CA LYS B 236 18.96 -18.49 16.39
C LYS B 236 17.99 -17.43 16.89
N LEU B 237 16.71 -17.59 16.54
CA LEU B 237 15.68 -16.59 16.80
C LEU B 237 14.54 -17.22 17.59
N ASN B 238 14.57 -17.06 18.91
CA ASN B 238 13.63 -17.74 19.79
C ASN B 238 13.92 -19.23 19.78
N ASN B 239 13.05 -19.95 19.08
CA ASN B 239 13.09 -21.40 19.03
C ASN B 239 13.44 -21.93 17.64
N ARG B 240 13.86 -21.02 16.77
CA ARG B 240 14.01 -21.33 15.35
C ARG B 240 15.39 -20.89 14.84
N ILE B 241 15.98 -21.69 13.96
CA ILE B 241 17.21 -21.34 13.25
C ILE B 241 16.92 -20.81 11.85
N PHE B 242 17.54 -19.69 11.52
CA PHE B 242 17.42 -19.12 10.17
C PHE B 242 18.79 -19.08 9.54
N LEU B 243 18.88 -19.49 8.30
CA LEU B 243 20.15 -19.36 7.59
C LEU B 243 19.97 -19.12 6.10
N ALA B 244 21.06 -18.72 5.46
CA ALA B 244 21.09 -18.52 4.03
C ALA B 244 22.54 -18.66 3.62
N PHE B 245 22.77 -19.18 2.42
CA PHE B 245 24.14 -19.42 1.97
C PHE B 245 24.16 -19.54 0.45
N TYR B 246 25.36 -19.40 -0.10
CA TYR B 246 25.59 -19.58 -1.53
C TYR B 246 26.38 -20.87 -1.78
N ILE B 247 25.98 -21.61 -2.81
CA ILE B 247 26.84 -22.62 -3.41
C ILE B 247 27.00 -22.19 -4.85
N GLY B 248 28.23 -21.90 -5.27
CA GLY B 248 28.45 -21.35 -6.59
C GLY B 248 27.67 -20.06 -6.70
N LYS B 249 26.84 -19.93 -7.74
CA LYS B 249 26.06 -18.70 -7.90
C LYS B 249 24.64 -18.83 -7.32
N VAL B 250 24.33 -19.97 -6.73
CA VAL B 250 22.97 -20.20 -6.27
C VAL B 250 22.79 -19.84 -4.81
N ARG B 251 21.77 -19.03 -4.54
CA ARG B 251 21.47 -18.61 -3.18
C ARG B 251 20.32 -19.44 -2.59
N LEU B 252 20.61 -20.13 -1.49
CA LEU B 252 19.62 -20.95 -0.79
C LEU B 252 19.34 -20.42 0.61
N ILE B 253 18.07 -20.47 1.01
CA ILE B 253 17.67 -20.06 2.37
C ILE B 253 16.91 -21.17 3.09
N ASP B 254 16.89 -21.13 4.42
CA ASP B 254 16.13 -22.10 5.20
C ASP B 254 15.78 -21.60 6.62
N ASN B 255 14.78 -22.21 7.24
CA ASN B 255 14.48 -21.98 8.65
C ASN B 255 13.79 -23.20 9.19
N PHE B 256 14.06 -23.52 10.45
CA PHE B 256 13.47 -24.70 11.06
C PHE B 256 13.54 -24.59 12.57
N LEU B 257 12.74 -25.42 13.23
CA LEU B 257 12.73 -25.50 14.68
C LEU B 257 14.08 -26.02 15.16
N LYS B 258 14.68 -25.31 16.11
CA LYS B 258 15.92 -25.71 16.75
C LYS B 258 15.86 -27.15 17.27
N GLU B 259 14.72 -27.51 17.84
CA GLU B 259 14.53 -28.85 18.41
C GLU B 259 14.45 -29.97 17.35
N THR B 260 13.92 -29.66 16.17
CA THR B 260 13.75 -30.71 15.16
C THR B 260 14.93 -30.83 14.20
N GLY B 261 15.59 -29.71 13.90
CA GLY B 261 16.47 -29.65 12.75
C GLY B 261 15.62 -29.66 11.47
N PRO B 262 16.28 -29.72 10.31
CA PRO B 262 15.50 -29.80 9.08
C PRO B 262 14.99 -31.23 8.94
N SER B 263 13.94 -31.60 9.68
CA SER B 263 13.58 -32.99 9.84
C SER B 263 12.71 -33.42 8.68
N CYS B 264 12.57 -34.74 8.50
CA CYS B 264 11.72 -35.28 7.44
C CYS B 264 10.22 -35.16 7.74
#